data_6UWW
#
_entry.id   6UWW
#
_cell.length_a   28.730
_cell.length_b   66.200
_cell.length_c   44.520
_cell.angle_alpha   90.000
_cell.angle_beta   91.614
_cell.angle_gamma   90.000
#
_symmetry.space_group_name_H-M   'P 1 21 1'
#
loop_
_entity.id
_entity.type
_entity.pdbx_description
1 polymer 'Dihydrofolate reductase'
2 non-polymer '3-(2-{3-[(2,4-diamino-6-ethylpyrimidin-5-yl)oxy]propoxy}phenyl)propanoic acid'
3 non-polymer 'SULFATE ION'
4 non-polymer 'NADP NICOTINAMIDE-ADENINE-DINUCLEOTIDE PHOSPHATE'
5 water water
#
_entity_poly.entity_id   1
_entity_poly.type   'polypeptide(L)'
_entity_poly.pdbx_seq_one_letter_code
;MAHHHHHHMTSVGLIWAQSTSGVIGRDGGIPWRLPEDLAHFKRLTMGHTVVMGRRTWDSLPAAHRPLPGRRNVVVTRQTG
LVAHGAQVVGSLEQALSPAEPDAETWVIGGAQIYALALPLANRCEVTEVDVDLPPEDEDALAPVLDQTWAGTSGEWLVSR
SGLRYRMHSYRRL
;
_entity_poly.pdbx_strand_id   A
#
loop_
_chem_comp.id
_chem_comp.type
_chem_comp.name
_chem_comp.formula
MMV non-polymer '3-(2-{3-[(2,4-diamino-6-ethylpyrimidin-5-yl)oxy]propoxy}phenyl)propanoic acid' 'C18 H24 N4 O4'
NAP non-polymer 'NADP NICOTINAMIDE-ADENINE-DINUCLEOTIDE PHOSPHATE' 'C21 H28 N7 O17 P3'
SO4 non-polymer 'SULFATE ION' 'O4 S -2'
#
# COMPACT_ATOMS: atom_id res chain seq x y z
N SER A 11 7.25 2.43 -13.72
CA SER A 11 6.09 2.94 -13.01
C SER A 11 6.17 2.64 -11.52
N VAL A 12 6.10 3.70 -10.72
CA VAL A 12 6.00 3.62 -9.26
C VAL A 12 4.59 4.02 -8.87
N GLY A 13 3.89 3.09 -8.26
CA GLY A 13 2.52 3.32 -7.85
C GLY A 13 2.39 3.14 -6.35
N LEU A 14 1.46 3.86 -5.75
CA LEU A 14 1.00 3.59 -4.40
C LEU A 14 -0.33 2.86 -4.49
N ILE A 15 -0.58 1.98 -3.55
CA ILE A 15 -1.86 1.30 -3.46
C ILE A 15 -2.23 1.24 -1.98
N TRP A 16 -3.44 1.66 -1.64
CA TRP A 16 -3.91 1.64 -0.26
C TRP A 16 -5.42 1.53 -0.23
N ALA A 17 -5.92 1.11 0.94
CA ALA A 17 -7.33 1.13 1.26
C ALA A 17 -7.54 2.00 2.50
N GLN A 18 -8.51 2.93 2.43
CA GLN A 18 -8.76 3.83 3.55
C GLN A 18 -10.25 3.90 3.85
N SER A 19 -10.59 4.16 5.10
CA SER A 19 -11.94 4.56 5.40
C SER A 19 -12.19 5.96 4.80
N THR A 20 -13.46 6.33 4.73
CA THR A 20 -13.73 7.67 4.24
CA THR A 20 -13.84 7.69 4.33
C THR A 20 -13.05 8.72 5.12
N SER A 21 -12.89 8.47 6.43
CA SER A 21 -12.21 9.40 7.34
C SER A 21 -10.69 9.42 7.16
N GLY A 22 -10.14 8.56 6.32
CA GLY A 22 -8.71 8.53 6.04
C GLY A 22 -7.89 7.54 6.84
N VAL A 23 -8.51 6.73 7.68
CA VAL A 23 -7.77 5.74 8.45
C VAL A 23 -7.35 4.60 7.54
N ILE A 24 -6.09 4.20 7.65
CA ILE A 24 -5.58 2.99 7.01
C ILE A 24 -5.18 1.90 7.99
N GLY A 25 -4.83 2.24 9.23
CA GLY A 25 -4.30 1.26 10.16
C GLY A 25 -4.62 1.62 11.58
N ARG A 26 -4.79 0.59 12.40
CA ARG A 26 -5.06 0.75 13.83
C ARG A 26 -4.65 -0.54 14.51
N ASP A 27 -4.03 -0.43 15.68
CA ASP A 27 -3.69 -1.60 16.50
C ASP A 27 -2.84 -2.62 15.74
N GLY A 28 -1.98 -2.13 14.86
CA GLY A 28 -1.10 -3.02 14.12
C GLY A 28 -1.76 -3.78 13.01
N GLY A 29 -2.97 -3.42 12.61
CA GLY A 29 -3.66 -4.06 11.52
C GLY A 29 -4.54 -3.10 10.79
N ILE A 30 -5.48 -3.63 10.02
CA ILE A 30 -6.42 -2.86 9.22
C ILE A 30 -7.79 -3.04 9.85
N PRO A 31 -8.47 -1.95 10.25
CA PRO A 31 -9.65 -2.08 11.12
C PRO A 31 -10.98 -2.30 10.39
N TRP A 32 -10.98 -3.16 9.37
CA TRP A 32 -12.20 -3.61 8.72
C TRP A 32 -11.85 -4.88 7.95
N ARG A 33 -12.89 -5.56 7.46
CA ARG A 33 -12.74 -6.75 6.63
C ARG A 33 -13.42 -6.49 5.29
N LEU A 34 -12.63 -6.47 4.22
CA LEU A 34 -13.14 -6.17 2.88
C LEU A 34 -12.51 -7.14 1.88
N PRO A 35 -13.12 -8.31 1.69
CA PRO A 35 -12.50 -9.32 0.82
C PRO A 35 -12.27 -8.83 -0.60
N GLU A 36 -13.17 -7.99 -1.11
CA GLU A 36 -13.03 -7.49 -2.46
C GLU A 36 -11.80 -6.59 -2.61
N ASP A 37 -11.40 -5.92 -1.53
CA ASP A 37 -10.19 -5.13 -1.59
C ASP A 37 -8.95 -6.02 -1.57
N LEU A 38 -8.95 -7.08 -0.77
CA LEU A 38 -7.83 -8.01 -0.81
C LEU A 38 -7.67 -8.60 -2.19
N ALA A 39 -8.78 -8.97 -2.84
CA ALA A 39 -8.71 -9.52 -4.18
C ALA A 39 -8.15 -8.49 -5.17
N HIS A 40 -8.62 -7.25 -5.09
CA HIS A 40 -8.09 -6.16 -5.91
C HIS A 40 -6.59 -5.98 -5.70
N PHE A 41 -6.16 -5.97 -4.45
CA PHE A 41 -4.75 -5.81 -4.12
C PHE A 41 -3.91 -6.94 -4.72
N LYS A 42 -4.38 -8.18 -4.57
CA LYS A 42 -3.69 -9.33 -5.16
CA LYS A 42 -3.64 -9.30 -5.15
C LYS A 42 -3.62 -9.22 -6.67
N ARG A 43 -4.72 -8.82 -7.31
CA ARG A 43 -4.74 -8.73 -8.77
CA ARG A 43 -4.73 -8.73 -8.77
C ARG A 43 -3.76 -7.68 -9.27
N LEU A 44 -3.68 -6.55 -8.61
CA LEU A 44 -2.81 -5.48 -9.08
CA LEU A 44 -2.81 -5.49 -9.09
C LEU A 44 -1.35 -5.79 -8.81
N THR A 45 -1.04 -6.47 -7.71
CA THR A 45 0.34 -6.59 -7.30
C THR A 45 1.01 -7.91 -7.73
N MET A 46 0.25 -8.96 -8.05
CA MET A 46 0.85 -10.26 -8.28
C MET A 46 1.88 -10.18 -9.41
N GLY A 47 3.03 -10.79 -9.19
CA GLY A 47 4.11 -10.79 -10.18
C GLY A 47 5.00 -9.59 -10.15
N HIS A 48 4.73 -8.62 -9.28
CA HIS A 48 5.46 -7.37 -9.23
C HIS A 48 6.18 -7.20 -7.91
N THR A 49 6.92 -6.09 -7.81
CA THR A 49 7.61 -5.71 -6.59
C THR A 49 6.66 -4.94 -5.68
N VAL A 50 6.68 -5.30 -4.40
CA VAL A 50 5.92 -4.62 -3.36
C VAL A 50 6.91 -4.09 -2.31
N VAL A 51 6.86 -2.78 -2.11
CA VAL A 51 7.75 -2.06 -1.19
C VAL A 51 6.93 -1.63 0.01
N MET A 52 7.43 -1.90 1.21
CA MET A 52 6.68 -1.60 2.42
C MET A 52 7.62 -1.17 3.54
N GLY A 53 7.07 -0.38 4.46
CA GLY A 53 7.80 -0.10 5.69
C GLY A 53 7.83 -1.29 6.61
N ARG A 54 8.78 -1.26 7.56
CA ARG A 54 8.97 -2.41 8.43
C ARG A 54 7.73 -2.68 9.29
N ARG A 55 7.00 -1.64 9.72
CA ARG A 55 5.81 -1.91 10.52
C ARG A 55 4.75 -2.63 9.71
N THR A 56 4.62 -2.31 8.41
CA THR A 56 3.70 -3.04 7.56
C THR A 56 4.17 -4.49 7.38
N TRP A 57 5.46 -4.72 7.18
CA TRP A 57 5.96 -6.10 7.15
C TRP A 57 5.56 -6.86 8.39
N ASP A 58 5.69 -6.24 9.57
CA ASP A 58 5.33 -6.91 10.80
C ASP A 58 3.83 -7.11 10.96
N SER A 59 3.01 -6.33 10.26
CA SER A 59 1.56 -6.44 10.30
C SER A 59 1.01 -7.55 9.41
N LEU A 60 1.82 -8.13 8.53
CA LEU A 60 1.29 -9.08 7.56
C LEU A 60 0.86 -10.35 8.27
N PRO A 61 -0.31 -10.90 7.95
CA PRO A 61 -0.71 -12.17 8.55
C PRO A 61 0.24 -13.30 8.15
N ALA A 62 0.28 -14.34 8.98
CA ALA A 62 1.32 -15.37 8.86
C ALA A 62 1.43 -15.97 7.46
N ALA A 63 0.30 -16.34 6.85
CA ALA A 63 0.31 -16.96 5.53
C ALA A 63 0.64 -15.98 4.40
N HIS A 64 0.90 -14.73 4.74
CA HIS A 64 1.16 -13.68 3.77
C HIS A 64 2.43 -12.92 4.11
N ARG A 65 3.33 -13.51 4.87
CA ARG A 65 4.58 -12.87 5.28
C ARG A 65 5.69 -13.86 4.92
N PRO A 66 6.30 -13.75 3.73
CA PRO A 66 6.13 -12.70 2.72
C PRO A 66 4.87 -12.87 1.89
N LEU A 67 4.53 -11.81 1.16
CA LEU A 67 3.40 -11.83 0.25
C LEU A 67 3.74 -12.76 -0.92
N PRO A 68 3.00 -13.84 -1.14
CA PRO A 68 3.42 -14.82 -2.13
CA PRO A 68 3.42 -14.84 -2.13
C PRO A 68 3.35 -14.27 -3.55
N GLY A 69 4.30 -14.68 -4.38
CA GLY A 69 4.27 -14.36 -5.80
C GLY A 69 4.69 -12.96 -6.15
N ARG A 70 5.30 -12.24 -5.21
CA ARG A 70 5.73 -10.86 -5.37
C ARG A 70 7.11 -10.73 -4.75
N ARG A 71 7.89 -9.79 -5.28
CA ARG A 71 9.19 -9.47 -4.72
C ARG A 71 8.96 -8.50 -3.56
N ASN A 72 9.18 -8.97 -2.32
CA ASN A 72 8.89 -8.17 -1.14
C ASN A 72 10.15 -7.41 -0.76
N VAL A 73 10.03 -6.09 -0.59
CA VAL A 73 11.12 -5.20 -0.21
C VAL A 73 10.67 -4.44 1.03
N VAL A 74 11.48 -4.52 2.08
CA VAL A 74 11.16 -3.95 3.39
C VAL A 74 12.15 -2.84 3.69
N VAL A 75 11.61 -1.66 4.01
CA VAL A 75 12.38 -0.46 4.32
C VAL A 75 12.49 -0.31 5.83
N THR A 76 13.72 -0.25 6.33
CA THR A 76 14.02 -0.18 7.77
C THR A 76 15.30 0.60 7.97
N ARG A 77 15.45 1.21 9.14
CA ARG A 77 16.75 1.74 9.54
C ARG A 77 17.57 0.72 10.31
N GLN A 78 17.02 -0.45 10.59
CA GLN A 78 17.72 -1.47 11.36
C GLN A 78 18.61 -2.24 10.41
N THR A 79 19.87 -1.85 10.30
N THR A 79 19.85 -1.76 10.30
CA THR A 79 20.71 -2.37 9.21
CA THR A 79 20.92 -2.52 9.67
C THR A 79 20.86 -3.89 9.25
C THR A 79 21.06 -3.86 10.38
N GLY A 80 20.86 -4.48 10.45
N GLY A 80 21.07 -4.92 9.61
CA GLY A 80 21.07 -5.92 10.53
CA GLY A 80 21.14 -6.25 10.15
C GLY A 80 19.82 -6.79 10.59
C GLY A 80 19.81 -6.91 10.41
N LEU A 81 18.68 -6.23 10.17
CA LEU A 81 17.40 -6.89 10.38
C LEU A 81 17.25 -8.11 9.48
N VAL A 82 16.83 -9.23 10.06
CA VAL A 82 16.50 -10.45 9.32
CA VAL A 82 16.51 -10.41 9.27
C VAL A 82 15.01 -10.44 9.00
N ALA A 83 14.66 -10.62 7.72
CA ALA A 83 13.27 -10.63 7.22
C ALA A 83 13.14 -11.75 6.19
N HIS A 84 12.84 -12.95 6.67
CA HIS A 84 12.86 -14.11 5.79
C HIS A 84 11.79 -13.96 4.70
N GLY A 85 12.23 -14.13 3.45
CA GLY A 85 11.36 -14.01 2.32
C GLY A 85 11.28 -12.63 1.71
N ALA A 86 11.99 -11.67 2.27
CA ALA A 86 12.02 -10.31 1.77
C ALA A 86 13.45 -9.83 1.61
N GLN A 87 13.59 -8.78 0.80
CA GLN A 87 14.82 -8.02 0.66
C GLN A 87 14.76 -6.81 1.58
N VAL A 88 15.76 -6.66 2.43
CA VAL A 88 15.82 -5.54 3.36
C VAL A 88 16.67 -4.44 2.74
N VAL A 89 16.15 -3.20 2.76
CA VAL A 89 16.88 -2.03 2.30
C VAL A 89 16.75 -0.93 3.35
N GLY A 90 17.62 0.08 3.21
CA GLY A 90 17.77 1.09 4.25
C GLY A 90 17.12 2.42 3.97
N SER A 91 16.43 2.58 2.85
CA SER A 91 15.70 3.81 2.54
C SER A 91 14.71 3.48 1.44
N LEU A 92 13.72 4.37 1.29
CA LEU A 92 12.80 4.24 0.17
C LEU A 92 13.51 4.39 -1.17
N GLU A 93 14.48 5.32 -1.25
CA GLU A 93 15.20 5.49 -2.50
C GLU A 93 15.94 4.20 -2.90
N GLN A 94 16.52 3.49 -1.93
CA GLN A 94 17.12 2.20 -2.24
C GLN A 94 16.08 1.22 -2.77
N ALA A 95 14.91 1.19 -2.14
CA ALA A 95 13.85 0.28 -2.58
C ALA A 95 13.43 0.55 -4.03
N LEU A 96 13.48 1.82 -4.44
CA LEU A 96 13.06 2.22 -5.79
C LEU A 96 14.22 2.22 -6.78
N SER A 97 15.39 1.74 -6.36
CA SER A 97 16.58 1.62 -7.21
CA SER A 97 16.56 1.61 -7.24
CA SER A 97 16.55 1.61 -7.25
C SER A 97 17.06 0.17 -7.23
N PRO A 98 16.23 -0.77 -7.69
CA PRO A 98 16.60 -2.18 -7.65
C PRO A 98 17.76 -2.49 -8.57
N ALA A 99 18.53 -3.50 -8.17
CA ALA A 99 19.54 -4.03 -9.08
C ALA A 99 18.90 -4.73 -10.28
N GLU A 100 17.73 -5.36 -10.08
CA GLU A 100 16.98 -6.00 -11.15
C GLU A 100 15.70 -5.19 -11.34
N PRO A 101 15.61 -4.33 -12.35
CA PRO A 101 14.41 -3.50 -12.50
C PRO A 101 13.14 -4.32 -12.72
N ASP A 102 12.02 -3.74 -12.29
CA ASP A 102 10.70 -4.33 -12.45
C ASP A 102 9.85 -3.34 -13.23
N ALA A 103 9.00 -3.86 -14.13
CA ALA A 103 8.10 -2.99 -14.88
C ALA A 103 7.18 -2.21 -13.95
N GLU A 104 6.74 -2.86 -12.86
CA GLU A 104 5.83 -2.22 -11.92
C GLU A 104 6.37 -2.40 -10.52
N THR A 105 6.46 -1.28 -9.83
CA THR A 105 6.76 -1.28 -8.41
C THR A 105 5.59 -0.65 -7.68
N TRP A 106 5.11 -1.35 -6.67
CA TRP A 106 4.00 -0.88 -5.87
C TRP A 106 4.46 -0.63 -4.45
N VAL A 107 4.22 0.58 -3.96
CA VAL A 107 4.40 0.92 -2.56
C VAL A 107 3.10 0.62 -1.84
N ILE A 108 3.17 -0.31 -0.90
CA ILE A 108 2.01 -0.93 -0.29
C ILE A 108 1.80 -0.52 1.16
N GLY A 109 2.54 0.48 1.63
CA GLY A 109 2.31 1.10 2.92
C GLY A 109 3.52 0.98 3.82
N GLY A 110 3.40 1.51 5.04
CA GLY A 110 2.24 2.14 5.62
C GLY A 110 2.28 3.65 5.52
N ALA A 111 1.70 4.33 6.51
CA ALA A 111 1.57 5.78 6.45
C ALA A 111 2.92 6.48 6.34
N GLN A 112 3.93 6.02 7.07
CA GLN A 112 5.21 6.68 7.01
C GLN A 112 5.79 6.59 5.61
N ILE A 113 5.74 5.39 5.03
CA ILE A 113 6.34 5.17 3.71
C ILE A 113 5.52 5.84 2.62
N TYR A 114 4.19 5.86 2.73
CA TYR A 114 3.42 6.55 1.71
C TYR A 114 3.82 8.02 1.62
N ALA A 115 4.07 8.66 2.76
CA ALA A 115 4.40 10.08 2.75
C ALA A 115 5.69 10.32 1.97
N LEU A 116 6.67 9.43 2.14
CA LEU A 116 7.93 9.56 1.42
C LEU A 116 7.79 9.20 -0.05
N ALA A 117 6.90 8.25 -0.36
CA ALA A 117 6.81 7.76 -1.73
C ALA A 117 5.95 8.63 -2.63
N LEU A 118 4.97 9.32 -2.08
CA LEU A 118 4.05 10.09 -2.92
C LEU A 118 4.75 11.02 -3.90
N PRO A 119 5.76 11.81 -3.51
CA PRO A 119 6.44 12.68 -4.50
C PRO A 119 7.15 11.94 -5.60
N LEU A 120 7.44 10.65 -5.41
CA LEU A 120 8.18 9.84 -6.37
C LEU A 120 7.29 8.99 -7.26
N ALA A 121 5.99 9.02 -7.02
CA ALA A 121 5.07 8.11 -7.69
C ALA A 121 4.33 8.80 -8.82
N ASN A 122 3.85 7.99 -9.76
CA ASN A 122 3.04 8.49 -10.86
C ASN A 122 1.62 7.96 -10.89
N ARG A 123 1.29 7.02 -9.99
CA ARG A 123 -0.01 6.35 -9.97
CA ARG A 123 -0.02 6.40 -9.97
C ARG A 123 -0.39 6.08 -8.52
N CYS A 124 -1.68 6.22 -8.20
CA CYS A 124 -2.25 5.75 -6.94
C CYS A 124 -3.51 4.96 -7.21
N GLU A 125 -3.62 3.79 -6.60
CA GLU A 125 -4.82 2.96 -6.67
C GLU A 125 -5.40 2.90 -5.26
N VAL A 126 -6.57 3.50 -5.08
CA VAL A 126 -7.12 3.74 -3.76
C VAL A 126 -8.45 3.02 -3.64
N THR A 127 -8.63 2.27 -2.56
CA THR A 127 -9.94 1.75 -2.21
C THR A 127 -10.50 2.60 -1.08
N GLU A 128 -11.70 3.11 -1.28
CA GLU A 128 -12.43 3.88 -0.28
C GLU A 128 -13.46 2.97 0.36
N VAL A 129 -13.44 2.91 1.69
CA VAL A 129 -14.29 2.01 2.46
C VAL A 129 -15.25 2.86 3.30
N ASP A 130 -16.55 2.66 3.10
CA ASP A 130 -17.57 3.37 3.86
C ASP A 130 -17.77 2.64 5.19
N VAL A 131 -16.86 2.89 6.11
CA VAL A 131 -16.90 2.35 7.45
C VAL A 131 -16.63 3.51 8.38
N ASP A 132 -17.43 3.66 9.43
CA ASP A 132 -17.34 4.84 10.26
C ASP A 132 -16.29 4.62 11.34
N LEU A 133 -15.13 5.25 11.17
CA LEU A 133 -14.02 5.13 12.10
C LEU A 133 -13.50 6.54 12.38
N PRO A 134 -14.09 7.23 13.35
CA PRO A 134 -13.47 8.47 13.82
C PRO A 134 -12.05 8.21 14.24
N PRO A 135 -11.09 9.00 13.78
CA PRO A 135 -9.68 8.66 14.02
C PRO A 135 -9.33 8.65 15.50
N GLU A 136 -8.51 7.69 15.89
CA GLU A 136 -7.97 7.54 17.23
C GLU A 136 -6.49 7.88 17.21
N ASP A 137 -5.93 8.11 18.41
CA ASP A 137 -4.67 8.85 18.47
C ASP A 137 -3.52 8.14 17.79
N GLU A 138 -3.48 6.81 17.81
CA GLU A 138 -2.38 6.07 17.23
C GLU A 138 -2.68 5.57 15.82
N ASP A 139 -3.75 6.04 15.20
CA ASP A 139 -4.09 5.55 13.87
C ASP A 139 -3.04 5.96 12.83
N ALA A 140 -2.86 5.08 11.85
CA ALA A 140 -2.13 5.40 10.64
C ALA A 140 -3.13 5.94 9.63
N LEU A 141 -2.78 7.05 8.98
CA LEU A 141 -3.67 7.76 8.08
C LEU A 141 -3.14 7.75 6.65
N ALA A 142 -4.08 7.83 5.71
CA ALA A 142 -3.75 7.84 4.29
C ALA A 142 -3.09 9.14 3.87
N PRO A 143 -2.28 9.11 2.81
CA PRO A 143 -1.79 10.34 2.22
C PRO A 143 -2.93 11.05 1.53
N VAL A 144 -2.77 12.34 1.30
CA VAL A 144 -3.77 13.18 0.64
CA VAL A 144 -3.77 13.15 0.63
C VAL A 144 -3.24 13.56 -0.72
N LEU A 145 -4.09 13.51 -1.72
CA LEU A 145 -3.72 13.80 -3.09
C LEU A 145 -4.11 15.23 -3.44
N ASP A 146 -3.12 16.02 -3.80
CA ASP A 146 -3.32 17.42 -4.10
C ASP A 146 -3.59 17.63 -5.59
N GLN A 147 -3.49 18.89 -6.02
CA GLN A 147 -3.82 19.28 -7.39
C GLN A 147 -2.86 18.73 -8.44
N THR A 148 -1.73 18.14 -8.05
CA THR A 148 -0.83 17.52 -9.01
C THR A 148 -1.30 16.14 -9.44
N TRP A 149 -2.38 15.64 -8.84
CA TRP A 149 -2.97 14.34 -9.15
C TRP A 149 -4.37 14.55 -9.71
N ALA A 150 -4.79 13.66 -10.61
CA ALA A 150 -6.17 13.62 -11.06
C ALA A 150 -6.59 12.16 -11.18
N GLY A 151 -7.88 11.91 -11.02
CA GLY A 151 -8.32 10.54 -11.00
C GLY A 151 -9.70 10.30 -11.54
N THR A 152 -10.03 9.01 -11.50
CA THR A 152 -11.33 8.51 -11.91
CA THR A 152 -11.28 8.43 -11.97
C THR A 152 -11.80 7.52 -10.87
N SER A 153 -13.11 7.43 -10.72
CA SER A 153 -13.73 6.64 -9.67
C SER A 153 -14.61 5.55 -10.26
N GLY A 154 -14.51 4.34 -9.71
CA GLY A 154 -15.48 3.31 -10.00
C GLY A 154 -16.78 3.59 -9.28
N GLU A 155 -17.78 2.76 -9.57
CA GLU A 155 -19.05 2.90 -8.89
C GLU A 155 -18.94 2.42 -7.45
N TRP A 156 -19.82 2.95 -6.60
CA TRP A 156 -19.98 2.38 -5.28
C TRP A 156 -20.54 0.98 -5.41
N LEU A 157 -19.90 0.04 -4.72
CA LEU A 157 -20.25 -1.36 -4.70
C LEU A 157 -20.52 -1.77 -3.26
N VAL A 158 -21.25 -2.88 -3.09
CA VAL A 158 -21.49 -3.45 -1.78
C VAL A 158 -20.77 -4.78 -1.70
N SER A 159 -19.93 -4.92 -0.68
CA SER A 159 -19.21 -6.16 -0.48
C SER A 159 -20.17 -7.28 -0.07
N ARG A 160 -19.80 -8.52 -0.44
CA ARG A 160 -20.53 -9.67 0.04
C ARG A 160 -20.51 -9.74 1.56
N SER A 161 -19.53 -9.08 2.19
CA SER A 161 -19.42 -9.03 3.65
C SER A 161 -20.08 -7.78 4.26
N GLY A 162 -20.63 -6.87 3.44
CA GLY A 162 -21.55 -5.85 3.93
C GLY A 162 -21.13 -4.41 3.70
N LEU A 163 -19.83 -4.12 3.65
CA LEU A 163 -19.39 -2.74 3.53
C LEU A 163 -19.57 -2.20 2.11
N ARG A 164 -19.98 -0.94 2.02
CA ARG A 164 -19.90 -0.21 0.76
C ARG A 164 -18.45 0.21 0.53
N TYR A 165 -18.01 0.15 -0.73
CA TYR A 165 -16.64 0.47 -1.08
C TYR A 165 -16.59 0.91 -2.54
N ARG A 166 -15.50 1.58 -2.90
CA ARG A 166 -15.28 1.92 -4.31
C ARG A 166 -13.81 2.13 -4.55
N MET A 167 -13.40 1.89 -5.78
CA MET A 167 -12.02 2.03 -6.19
C MET A 167 -11.82 3.31 -6.98
N HIS A 168 -10.69 3.94 -6.76
CA HIS A 168 -10.27 5.14 -7.46
C HIS A 168 -8.90 4.92 -8.06
N SER A 169 -8.66 5.48 -9.24
CA SER A 169 -7.38 5.38 -9.92
CA SER A 169 -7.38 5.37 -9.93
C SER A 169 -6.91 6.78 -10.25
N TYR A 170 -5.77 7.17 -9.68
CA TYR A 170 -5.19 8.48 -9.87
C TYR A 170 -3.86 8.36 -10.62
N ARG A 171 -3.59 9.37 -11.44
CA ARG A 171 -2.31 9.50 -12.12
C ARG A 171 -1.83 10.93 -11.98
N ARG A 172 -0.51 11.08 -11.95
CA ARG A 172 0.09 12.40 -11.88
CA ARG A 172 0.09 12.40 -11.86
C ARG A 172 -0.18 13.18 -13.15
N LEU A 173 -0.59 14.42 -12.99
CA LEU A 173 -0.85 15.29 -14.14
C LEU A 173 0.43 15.73 -14.81
C1 MMV B . -2.88 -2.12 0.39
N2 MMV B . -3.71 -1.69 -0.53
C3 MMV B . -4.92 -2.23 -0.51
N4 MMV B . -5.31 -3.13 0.39
C5 MMV B . -4.46 -3.60 1.32
C6 MMV B . -3.19 -3.09 1.35
N7 MMV B . -1.59 -1.55 0.38
N8 MMV B . -5.85 -1.81 -1.48
C9 MMV B . -4.98 -4.65 2.25
C10 MMV B . -5.16 -5.99 1.51
O11 MMV B . -2.27 -3.48 2.30
C12 MMV B . -1.31 -4.45 1.86
C13 MMV B . -0.53 -4.90 3.09
C14 MMV B . -1.41 -5.70 4.03
O15 MMV B . -1.80 -6.88 3.36
C16 MMV B . -2.72 -7.71 3.92
C17 MMV B . -3.10 -8.82 3.20
C18 MMV B . -4.06 -9.68 3.74
C19 MMV B . -4.61 -9.41 5.00
C20 MMV B . -4.20 -8.30 5.71
C21 MMV B . -3.26 -7.43 5.18
C22 MMV B . -2.47 -9.05 1.82
C23 MMV B . -2.27 -10.52 1.50
C24 MMV B . -1.82 -10.81 0.08
O25 MMV B . -1.38 -11.97 -0.08
O26 MMV B . -1.85 -9.93 -0.83
S SO4 C . -9.13 -7.49 4.50
O1 SO4 C . -9.83 -6.21 4.66
O2 SO4 C . -7.86 -7.27 3.81
O3 SO4 C . -9.94 -8.41 3.74
O4 SO4 C . -8.87 -8.06 5.83
S SO4 D . -10.88 9.94 -1.58
O1 SO4 D . -9.52 10.28 -1.96
O2 SO4 D . -11.73 9.96 -2.78
O3 SO4 D . -10.91 8.61 -0.99
O4 SO4 D . -11.37 10.91 -0.60
PA NAP E . 5.18 1.81 8.04
O1A NAP E . 4.71 0.51 7.48
O2A NAP E . 5.19 3.00 7.17
O5B NAP E . 6.63 1.45 8.63
C5B NAP E . 7.38 2.43 9.33
C4B NAP E . 8.82 1.94 9.44
O4B NAP E . 9.43 2.09 8.25
C3B NAP E . 9.65 2.70 10.49
O3B NAP E . 9.37 2.31 11.81
C2B NAP E . 11.04 2.37 9.90
O2B NAP E . 11.39 0.98 10.26
C1B NAP E . 10.87 2.43 8.53
N9A NAP E . 11.14 3.74 7.93
C8A NAP E . 10.38 4.86 7.91
N7A NAP E . 11.05 5.86 7.31
C5A NAP E . 12.25 5.34 6.95
C6A NAP E . 13.35 5.90 6.31
N6A NAP E . 13.45 7.25 5.82
N1A NAP E . 14.41 5.15 6.09
C2A NAP E . 14.43 3.83 6.49
N3A NAP E . 13.40 3.26 7.12
C4A NAP E . 12.32 4.05 7.34
O3 NAP E . 4.42 2.11 9.42
PN NAP E . 2.99 2.77 9.78
O1N NAP E . 2.86 4.14 9.20
O2N NAP E . 2.86 2.64 11.27
O5D NAP E . 1.92 1.84 9.01
C5D NAP E . 1.57 0.55 9.52
C4D NAP E . 0.05 0.52 9.70
O4D NAP E . -0.57 0.74 8.49
C3D NAP E . -0.48 -0.82 10.26
O3D NAP E . -1.63 -0.60 11.03
C2D NAP E . -0.87 -1.50 8.92
O2D NAP E . -1.83 -2.56 9.22
C1D NAP E . -1.44 -0.50 8.18
N1N NAP E . -1.46 -0.59 6.73
C2N NAP E . -2.63 -0.35 6.06
C3N NAP E . -2.69 -0.41 4.67
C7N NAP E . -3.95 -0.12 3.94
O7N NAP E . -3.96 0.00 2.74
N7N NAP E . -5.12 -0.02 4.68
C4N NAP E . -1.53 -0.68 3.97
C5N NAP E . -0.37 -0.94 4.64
C6N NAP E . -0.32 -0.89 6.03
P2B NAP E . 12.31 0.65 11.55
O1X NAP E . 13.59 1.43 11.41
O2X NAP E . 11.49 1.06 12.78
O3X NAP E . 12.49 -0.86 11.45
#